data_6X2H
#
_entry.id   6X2H
#
_cell.length_a   73.045
_cell.length_b   84.443
_cell.length_c   41.473
_cell.angle_alpha   90.000
_cell.angle_beta   106.730
_cell.angle_gamma   90.000
#
_symmetry.space_group_name_H-M   'C 1 2 1'
#
loop_
_entity.id
_entity.type
_entity.pdbx_description
1 polymer 'Endothelial PAS domain-containing protein 1'
2 polymer 'Aryl hydrocarbon receptor nuclear translocator'
3 non-polymer cis-3-({(1S)-7-[dihydroxy(trifluoromethyl)-lambda~4~-sulfanyl]-2,2-difluoro-1-hydroxy-2,3-dihydro-1H-inden-4-yl}oxy)cyclobutane-1-carbonitrile
4 water water
#
loop_
_entity_poly.entity_id
_entity_poly.type
_entity_poly.pdbx_seq_one_letter_code
_entity_poly.pdbx_strand_id
1 'polypeptide(L)'
;GEFKGLDSKTFLSEHSMDMKFTYCDDRITELIGYHPEELLGRSAYEFYHALDSENMTKSHQNLCTKGQVVSGQYRMLAKH
GGYVWLETQGTVIYNPRNLQPQCIMCVNYVLSEIE
;
A
2 'polypeptide(L)'
;GEFKGLNVCQPTRFISRHNIEGIFTFVDHRCVATVGYQPQELLGKNIVEFCHPEDQQLLRDSFQQVVKLKGQVLSVMFRF
RSKNQEWLWMRTSSFTFQNPYSDEIEYIICTNTNVKNS
;
B
#
# COMPACT_ATOMS: atom_id res chain seq x y z
N PHE A 3 -15.28 -6.12 -28.43
CA PHE A 3 -14.33 -6.51 -27.33
C PHE A 3 -12.81 -6.62 -27.71
N LYS A 4 -11.93 -6.09 -26.86
CA LYS A 4 -10.49 -6.09 -27.07
C LYS A 4 -9.95 -7.52 -27.04
N GLY A 5 -8.99 -7.77 -27.92
CA GLY A 5 -8.25 -9.07 -27.87
C GLY A 5 -7.21 -9.17 -26.77
N LEU A 6 -6.45 -10.26 -26.75
CA LEU A 6 -5.47 -10.51 -25.70
C LEU A 6 -4.30 -9.52 -25.75
N ASP A 7 -3.71 -9.34 -26.94
CA ASP A 7 -2.56 -8.45 -27.05
C ASP A 7 -2.97 -7.04 -26.59
N SER A 8 -4.14 -6.58 -27.01
CA SER A 8 -4.59 -5.25 -26.66
C SER A 8 -4.89 -5.13 -25.16
N LYS A 9 -5.02 -6.26 -24.47
CA LYS A 9 -5.26 -6.23 -23.03
C LYS A 9 -4.05 -6.58 -22.19
N THR A 10 -2.87 -6.51 -22.78
CA THR A 10 -1.68 -6.89 -22.08
C THR A 10 -0.83 -5.65 -21.98
N PHE A 11 -0.22 -5.39 -20.83
CA PHE A 11 0.67 -4.22 -20.70
C PHE A 11 1.77 -4.55 -19.69
N LEU A 12 2.87 -3.82 -19.86
CA LEU A 12 4.02 -3.94 -18.94
C LEU A 12 3.96 -2.90 -17.83
N SER A 13 4.46 -3.33 -16.68
CA SER A 13 4.83 -2.43 -15.55
C SER A 13 6.14 -2.86 -14.93
N GLU A 14 6.84 -1.95 -14.27
CA GLU A 14 8.13 -2.27 -13.64
C GLU A 14 7.99 -1.74 -12.22
N HIS A 15 8.49 -2.54 -11.26
CA HIS A 15 8.43 -2.28 -9.87
C HIS A 15 9.77 -2.37 -9.17
N SER A 16 9.97 -1.52 -8.16
CA SER A 16 11.16 -1.73 -7.31
C SER A 16 10.77 -2.91 -6.38
N MET A 17 11.72 -3.41 -5.56
CA MET A 17 11.47 -4.62 -4.77
C MET A 17 10.38 -4.45 -3.66
N ASP A 18 10.19 -3.23 -3.19
CA ASP A 18 9.06 -2.91 -2.28
C ASP A 18 7.67 -2.78 -2.98
N MET A 19 7.58 -3.18 -4.26
CA MET A 19 6.33 -3.17 -5.04
C MET A 19 5.95 -1.79 -5.65
N LYS A 20 6.73 -0.72 -5.43
CA LYS A 20 6.42 0.54 -6.04
C LYS A 20 6.59 0.53 -7.55
N PHE A 21 5.63 1.17 -8.24
CA PHE A 21 5.73 1.42 -9.68
C PHE A 21 6.95 2.27 -9.95
N THR A 22 7.78 1.85 -10.85
CA THR A 22 8.84 2.73 -11.39
C THR A 22 8.63 3.07 -12.89
N TYR A 23 7.75 2.32 -13.56
CA TYR A 23 7.43 2.60 -14.91
C TYR A 23 6.10 1.91 -15.22
N CYS A 24 5.27 2.51 -16.06
CA CYS A 24 4.12 1.75 -16.56
C CYS A 24 3.80 2.10 -18.03
N ASP A 25 3.46 1.09 -18.87
CA ASP A 25 3.02 1.31 -20.26
C ASP A 25 1.85 2.29 -20.30
N ASP A 26 1.78 3.15 -21.33
CA ASP A 26 0.62 4.10 -21.52
C ASP A 26 -0.72 3.38 -21.65
N ARG A 27 -0.64 2.14 -22.10
CA ARG A 27 -1.78 1.31 -22.38
C ARG A 27 -2.68 1.06 -21.13
N ILE A 28 -2.12 1.18 -19.93
CA ILE A 28 -2.88 0.99 -18.70
C ILE A 28 -4.04 1.94 -18.68
N THR A 29 -3.83 3.11 -19.29
CA THR A 29 -4.87 4.14 -19.23
C THR A 29 -6.19 3.70 -19.91
N GLU A 30 -6.11 3.06 -21.06
CA GLU A 30 -7.36 2.66 -21.73
C GLU A 30 -7.97 1.42 -21.13
N LEU A 31 -7.22 0.74 -20.27
CA LEU A 31 -7.66 -0.49 -19.68
C LEU A 31 -8.21 -0.31 -18.27
N ILE A 32 -7.49 0.46 -17.44
CA ILE A 32 -7.75 0.61 -16.01
C ILE A 32 -7.89 2.09 -15.60
N GLY A 33 -7.82 3.01 -16.57
CA GLY A 33 -7.91 4.45 -16.32
C GLY A 33 -6.71 5.23 -15.75
N TYR A 34 -5.77 4.59 -15.03
CA TYR A 34 -4.67 5.38 -14.49
C TYR A 34 -3.72 5.92 -15.53
N HIS A 35 -3.10 7.06 -15.22
CA HIS A 35 -1.95 7.55 -15.98
C HIS A 35 -0.72 7.05 -15.38
N PRO A 36 0.25 6.59 -16.21
CA PRO A 36 1.48 6.10 -15.60
C PRO A 36 2.12 7.08 -14.60
N GLU A 37 2.14 8.36 -14.99
CA GLU A 37 2.64 9.44 -14.13
C GLU A 37 2.07 9.35 -12.69
N GLU A 38 0.78 9.07 -12.53
CA GLU A 38 0.21 9.11 -11.16
C GLU A 38 0.52 7.84 -10.38
N LEU A 39 1.08 6.84 -11.06
CA LEU A 39 1.35 5.57 -10.38
C LEU A 39 2.73 5.53 -9.79
N LEU A 40 3.69 6.20 -10.45
CA LEU A 40 5.08 6.22 -10.00
C LEU A 40 5.21 6.43 -8.50
N GLY A 41 5.99 5.61 -7.83
CA GLY A 41 6.12 5.80 -6.38
C GLY A 41 5.05 5.18 -5.52
N ARG A 42 3.95 4.70 -6.09
CA ARG A 42 2.90 4.08 -5.27
C ARG A 42 3.06 2.56 -5.29
N SER A 43 2.82 1.92 -4.15
CA SER A 43 2.81 0.46 -4.06
C SER A 43 1.68 -0.21 -4.82
N ALA A 44 2.03 -1.32 -5.49
CA ALA A 44 1.02 -2.14 -6.22
C ALA A 44 -0.06 -2.55 -5.23
N TYR A 45 0.35 -2.70 -4.00
CA TYR A 45 -0.48 -3.30 -2.98
C TYR A 45 -1.66 -2.41 -2.61
N GLU A 46 -1.51 -1.10 -2.80
CA GLU A 46 -2.56 -0.12 -2.52
C GLU A 46 -3.69 -0.36 -3.48
N PHE A 47 -3.46 -1.15 -4.52
CA PHE A 47 -4.46 -1.34 -5.57
C PHE A 47 -5.23 -2.65 -5.51
N TYR A 48 -4.84 -3.61 -4.68
CA TYR A 48 -5.44 -4.92 -4.73
C TYR A 48 -6.78 -4.96 -3.94
N HIS A 49 -7.75 -5.72 -4.44
CA HIS A 49 -8.93 -6.03 -3.64
C HIS A 49 -8.55 -6.78 -2.37
N ALA A 50 -9.16 -6.40 -1.23
CA ALA A 50 -8.71 -6.95 0.08
C ALA A 50 -8.78 -8.48 0.10
N LEU A 51 -9.77 -9.05 -0.60
CA LEU A 51 -9.92 -10.51 -0.66
C LEU A 51 -8.84 -11.26 -1.38
N ASP A 52 -8.12 -10.57 -2.28
CA ASP A 52 -6.99 -11.17 -3.05
C ASP A 52 -5.67 -10.82 -2.39
N SER A 53 -5.72 -9.96 -1.38
CA SER A 53 -4.50 -9.44 -0.72
C SER A 53 -3.54 -10.49 -0.21
N GLU A 54 -4.10 -11.39 0.61
CA GLU A 54 -3.34 -12.52 1.13
C GLU A 54 -2.56 -13.30 0.05
N ASN A 55 -3.27 -13.77 -0.96
CA ASN A 55 -2.64 -14.46 -2.11
C ASN A 55 -1.54 -13.65 -2.84
N MET A 56 -1.74 -12.32 -3.01
CA MET A 56 -0.69 -11.48 -3.64
C MET A 56 0.58 -11.38 -2.84
N THR A 57 0.46 -11.39 -1.51
CA THR A 57 1.65 -11.37 -0.61
C THR A 57 2.46 -12.69 -0.76
N LYS A 58 1.75 -13.83 -0.79
CA LYS A 58 2.44 -15.14 -0.95
C LYS A 58 3.08 -15.19 -2.35
N SER A 59 2.33 -14.75 -3.38
CA SER A 59 2.82 -14.73 -4.76
C SER A 59 4.11 -13.93 -4.81
N HIS A 60 4.12 -12.77 -4.14
CA HIS A 60 5.32 -11.97 -4.04
C HIS A 60 6.48 -12.71 -3.40
N GLN A 61 6.24 -13.31 -2.25
CA GLN A 61 7.30 -14.03 -1.54
C GLN A 61 7.88 -15.12 -2.42
N ASN A 62 7.00 -15.86 -3.11
CA ASN A 62 7.37 -16.88 -4.13
C ASN A 62 8.23 -16.30 -5.25
N LEU A 63 7.79 -15.17 -5.81
CA LEU A 63 8.60 -14.41 -6.76
C LEU A 63 10.02 -14.12 -6.23
N CYS A 64 10.15 -13.61 -5.01
CA CYS A 64 11.48 -13.28 -4.49
C CYS A 64 12.40 -14.49 -4.35
N THR A 65 11.85 -15.67 -4.09
CA THR A 65 12.71 -16.85 -4.02
C THR A 65 12.88 -17.61 -5.36
N LYS A 66 11.79 -17.83 -6.12
CA LYS A 66 11.93 -18.43 -7.46
C LYS A 66 12.53 -17.45 -8.51
N GLY A 67 12.00 -16.24 -8.66
CA GLY A 67 12.54 -15.27 -9.64
C GLY A 67 11.61 -15.00 -10.81
N GLN A 68 10.67 -15.91 -11.01
CA GLN A 68 9.62 -15.73 -11.98
C GLN A 68 8.41 -16.49 -11.44
N VAL A 69 7.23 -15.89 -11.53
CA VAL A 69 6.02 -16.42 -10.95
C VAL A 69 4.80 -15.88 -11.66
N VAL A 70 3.77 -16.70 -11.74
CA VAL A 70 2.56 -16.28 -12.33
C VAL A 70 1.65 -16.08 -11.14
N SER A 71 1.13 -14.85 -11.03
CA SER A 71 0.22 -14.43 -9.99
C SER A 71 -1.00 -15.32 -9.92
N GLY A 72 -1.59 -15.74 -11.04
CA GLY A 72 -2.97 -16.25 -10.89
C GLY A 72 -3.90 -15.05 -10.66
N GLN A 73 -5.20 -15.30 -10.71
CA GLN A 73 -6.23 -14.27 -10.90
C GLN A 73 -6.48 -13.35 -9.68
N TYR A 74 -6.58 -12.03 -9.92
CA TYR A 74 -6.71 -11.07 -8.78
C TYR A 74 -7.41 -9.80 -9.27
N ARG A 75 -7.98 -9.04 -8.34
CA ARG A 75 -8.66 -7.80 -8.70
C ARG A 75 -7.81 -6.61 -8.41
N MET A 76 -7.87 -5.65 -9.31
CA MET A 76 -7.17 -4.42 -9.13
C MET A 76 -8.20 -3.35 -9.26
N LEU A 77 -8.13 -2.36 -8.38
CA LEU A 77 -9.12 -1.32 -8.32
C LEU A 77 -8.86 -0.41 -9.51
N ALA A 78 -9.90 -0.09 -10.26
CA ALA A 78 -9.73 0.77 -11.46
C ALA A 78 -9.95 2.21 -11.08
N LYS A 79 -9.36 3.13 -11.84
CA LYS A 79 -9.30 4.54 -11.48
C LYS A 79 -10.70 5.08 -11.17
N HIS A 80 -11.68 4.76 -12.03
CA HIS A 80 -13.00 5.39 -11.93
C HIS A 80 -14.07 4.59 -11.29
N GLY A 81 -13.68 3.67 -10.39
CA GLY A 81 -14.61 2.82 -9.63
C GLY A 81 -14.59 1.36 -10.10
N GLY A 82 -14.85 0.42 -9.21
CA GLY A 82 -14.90 -1.00 -9.58
C GLY A 82 -13.55 -1.68 -9.77
N TYR A 83 -13.58 -2.99 -9.82
CA TYR A 83 -12.36 -3.78 -9.82
C TYR A 83 -12.31 -4.55 -11.16
N VAL A 84 -11.11 -4.68 -11.70
CA VAL A 84 -10.88 -5.43 -12.90
C VAL A 84 -10.06 -6.68 -12.57
N TRP A 85 -10.34 -7.77 -13.29
CA TRP A 85 -9.56 -9.03 -13.10
C TRP A 85 -8.30 -9.00 -13.96
N LEU A 86 -7.18 -9.33 -13.36
CA LEU A 86 -5.90 -9.47 -14.02
C LEU A 86 -5.29 -10.78 -13.73
N GLU A 87 -4.28 -11.09 -14.54
CA GLU A 87 -3.32 -12.08 -14.25
C GLU A 87 -1.96 -11.53 -14.69
N THR A 88 -0.94 -11.79 -13.92
CA THR A 88 0.37 -11.15 -14.13
C THR A 88 1.45 -12.18 -14.13
N GLN A 89 2.40 -12.05 -15.07
CA GLN A 89 3.64 -12.77 -14.92
C GLN A 89 4.75 -11.85 -14.40
N GLY A 90 5.43 -12.26 -13.32
CA GLY A 90 6.44 -11.40 -12.70
C GLY A 90 7.85 -11.95 -12.93
N THR A 91 8.79 -11.09 -13.25
CA THR A 91 10.15 -11.55 -13.50
C THR A 91 11.09 -10.61 -12.79
N VAL A 92 11.83 -11.13 -11.84
CA VAL A 92 12.90 -10.33 -11.23
C VAL A 92 14.13 -10.20 -12.14
N ILE A 93 14.67 -8.97 -12.26
CA ILE A 93 15.91 -8.61 -12.98
C ILE A 93 17.01 -8.24 -11.98
N TYR A 94 17.99 -9.12 -11.89
CA TYR A 94 19.15 -8.97 -11.02
C TYR A 94 20.27 -8.43 -11.87
N ASN A 95 21.18 -7.65 -11.31
CA ASN A 95 22.23 -7.15 -12.19
C ASN A 95 23.59 -7.85 -12.05
N PRO A 96 24.66 -7.07 -11.81
CA PRO A 96 25.97 -7.55 -12.27
C PRO A 96 26.11 -9.09 -12.22
N PRO A 101 19.00 -7.64 -6.72
CA PRO A 101 17.77 -7.57 -7.51
C PRO A 101 17.56 -6.14 -7.90
N GLN A 102 17.39 -5.86 -9.18
CA GLN A 102 17.33 -4.45 -9.61
C GLN A 102 15.92 -3.90 -9.74
N CYS A 103 14.98 -4.76 -10.17
CA CYS A 103 13.58 -4.37 -10.38
C CYS A 103 12.77 -5.61 -10.72
N ILE A 104 11.46 -5.47 -10.73
CA ILE A 104 10.59 -6.55 -11.16
C ILE A 104 9.84 -6.12 -12.42
N MET A 105 9.86 -6.99 -13.44
CA MET A 105 9.12 -6.74 -14.68
C MET A 105 7.83 -7.50 -14.61
N CYS A 106 6.71 -6.79 -14.79
CA CYS A 106 5.40 -7.43 -14.74
C CYS A 106 4.76 -7.34 -16.11
N VAL A 107 4.35 -8.50 -16.64
CA VAL A 107 3.54 -8.52 -17.88
C VAL A 107 2.10 -8.73 -17.36
N ASN A 108 1.22 -7.74 -17.57
CA ASN A 108 -0.10 -7.81 -16.94
C ASN A 108 -1.14 -8.04 -18.01
N TYR A 109 -2.02 -8.98 -17.74
CA TYR A 109 -3.09 -9.27 -18.69
CA TYR A 109 -3.12 -9.23 -18.68
C TYR A 109 -4.48 -9.10 -18.03
N VAL A 110 -5.33 -8.32 -18.70
CA VAL A 110 -6.61 -8.03 -18.12
C VAL A 110 -7.57 -9.10 -18.61
N LEU A 111 -8.00 -9.93 -17.68
CA LEU A 111 -9.06 -10.90 -17.90
C LEU A 111 -10.42 -10.37 -18.19
N SER A 112 -10.90 -9.40 -17.43
CA SER A 112 -12.18 -8.78 -17.71
C SER A 112 -12.39 -8.42 -19.17
N GLU A 113 -13.62 -8.51 -19.62
CA GLU A 113 -14.01 -8.02 -20.93
C GLU A 113 -13.78 -6.52 -21.02
N ILE A 114 -13.12 -6.07 -22.07
CA ILE A 114 -12.93 -4.64 -22.25
C ILE A 114 -13.40 -4.27 -23.64
N GLU A 115 -14.09 -3.12 -23.69
CA GLU A 115 -14.66 -2.49 -24.86
C GLU A 115 -16.13 -2.80 -25.10
N CYS B 9 -13.88 -0.17 29.87
CA CYS B 9 -12.76 -1.06 29.45
C CYS B 9 -11.47 -0.26 29.61
N GLN B 10 -10.41 -0.71 28.94
CA GLN B 10 -9.16 0.02 28.84
C GLN B 10 -8.75 0.02 27.35
N PRO B 11 -9.47 0.79 26.50
CA PRO B 11 -9.38 0.78 25.01
C PRO B 11 -7.97 0.51 24.45
N THR B 12 -7.84 -0.35 23.44
CA THR B 12 -6.50 -0.70 22.98
C THR B 12 -5.96 0.11 21.78
N ARG B 13 -4.65 0.33 21.88
CA ARG B 13 -3.91 1.26 21.09
C ARG B 13 -2.42 0.91 21.12
N PHE B 14 -1.73 1.36 20.08
CA PHE B 14 -0.29 1.09 19.98
C PHE B 14 0.33 2.28 19.36
N ILE B 15 1.59 2.50 19.72
CA ILE B 15 2.36 3.57 19.16
C ILE B 15 3.11 3.04 17.95
N SER B 16 3.16 3.88 16.93
CA SER B 16 4.07 3.68 15.84
C SER B 16 4.82 5.00 15.51
N ARG B 17 5.95 4.88 14.81
CA ARG B 17 6.65 6.04 14.24
C ARG B 17 6.73 5.81 12.71
N HIS B 18 6.66 6.90 11.94
CA HIS B 18 6.66 6.89 10.49
C HIS B 18 7.57 7.97 9.95
N ASN B 19 8.17 7.71 8.79
CA ASN B 19 8.87 8.80 8.12
C ASN B 19 7.80 9.58 7.42
N ILE B 20 8.15 10.68 6.77
CA ILE B 20 7.06 11.52 6.25
C ILE B 20 6.25 10.93 5.09
N GLU B 21 6.79 9.87 4.46
CA GLU B 21 6.10 9.21 3.37
C GLU B 21 5.03 8.23 3.85
N GLY B 22 5.13 7.82 5.13
CA GLY B 22 4.15 6.87 5.64
C GLY B 22 4.73 5.53 6.07
N ILE B 23 6.01 5.30 5.81
CA ILE B 23 6.59 3.99 6.10
C ILE B 23 6.67 3.78 7.61
N PHE B 24 6.24 2.63 8.12
CA PHE B 24 6.46 2.31 9.54
C PHE B 24 7.96 2.25 9.80
N THR B 25 8.48 3.05 10.72
CA THR B 25 9.91 2.90 11.10
C THR B 25 10.04 2.36 12.53
N PHE B 26 8.92 2.34 13.31
CA PHE B 26 8.89 1.77 14.67
C PHE B 26 7.46 1.32 14.97
N VAL B 27 7.25 0.14 15.57
CA VAL B 27 5.92 -0.28 15.98
C VAL B 27 5.99 -0.98 17.34
N ASP B 28 5.18 -0.47 18.28
CA ASP B 28 5.02 -1.01 19.60
C ASP B 28 4.23 -2.36 19.52
N HIS B 29 4.71 -3.38 20.22
CA HIS B 29 4.14 -4.74 20.23
C HIS B 29 2.65 -4.82 20.66
N ARG B 30 2.09 -3.74 21.28
CA ARG B 30 0.61 -3.70 21.48
C ARG B 30 -0.22 -3.77 20.16
N CYS B 31 0.45 -3.62 19.02
CA CYS B 31 -0.19 -3.77 17.71
C CYS B 31 -0.79 -5.20 17.52
N VAL B 32 -0.28 -6.20 18.25
CA VAL B 32 -0.77 -7.56 18.00
C VAL B 32 -2.24 -7.70 18.39
N ALA B 33 -2.59 -7.24 19.57
CA ALA B 33 -3.95 -7.24 20.07
C ALA B 33 -4.86 -6.30 19.26
N THR B 34 -4.32 -5.21 18.74
CA THR B 34 -5.15 -4.20 18.11
C THR B 34 -5.43 -4.54 16.64
N VAL B 35 -4.39 -4.86 15.85
CA VAL B 35 -4.61 -5.06 14.43
C VAL B 35 -4.15 -6.46 13.99
N GLY B 36 -3.65 -7.26 14.93
CA GLY B 36 -3.34 -8.64 14.69
C GLY B 36 -2.01 -9.03 14.10
N TYR B 37 -1.29 -8.10 13.49
CA TYR B 37 0.02 -8.29 12.96
C TYR B 37 1.08 -8.20 14.01
N GLN B 38 2.20 -8.90 13.75
CA GLN B 38 3.43 -8.73 14.49
C GLN B 38 4.11 -7.43 14.01
N PRO B 39 4.90 -6.77 14.90
CA PRO B 39 5.64 -5.55 14.48
C PRO B 39 6.50 -5.73 13.25
N GLN B 40 7.29 -6.80 13.21
CA GLN B 40 8.08 -7.10 12.01
C GLN B 40 7.23 -7.20 10.70
N GLU B 41 5.93 -7.56 10.78
CA GLU B 41 5.05 -7.60 9.59
C GLU B 41 4.60 -6.19 9.17
N LEU B 42 4.72 -5.20 10.08
CA LEU B 42 4.43 -3.79 9.74
C LEU B 42 5.70 -2.97 9.35
N LEU B 43 6.84 -3.26 9.97
CA LEU B 43 8.07 -2.45 9.80
C LEU B 43 8.52 -2.41 8.36
N GLY B 44 8.79 -1.22 7.86
CA GLY B 44 9.23 -1.19 6.45
C GLY B 44 8.11 -0.96 5.46
N LYS B 45 6.84 -1.16 5.86
CA LYS B 45 5.78 -0.94 4.87
C LYS B 45 5.05 0.36 5.10
N ASN B 46 4.36 0.85 4.08
CA ASN B 46 3.69 2.11 4.25
C ASN B 46 2.31 1.87 4.93
N ILE B 47 1.92 2.76 5.84
CA ILE B 47 0.61 2.66 6.46
C ILE B 47 -0.50 2.66 5.41
N VAL B 48 -0.33 3.44 4.35
CA VAL B 48 -1.31 3.45 3.26
C VAL B 48 -1.65 2.11 2.59
N GLU B 49 -0.70 1.19 2.61
CA GLU B 49 -0.90 -0.17 2.15
C GLU B 49 -1.95 -0.97 2.92
N PHE B 50 -2.20 -0.64 4.18
CA PHE B 50 -3.16 -1.41 5.00
C PHE B 50 -4.51 -0.66 5.01
N CYS B 51 -4.58 0.45 4.26
CA CYS B 51 -5.69 1.39 4.36
C CYS B 51 -6.77 1.08 3.25
N HIS B 52 -8.07 1.19 3.62
CA HIS B 52 -9.20 1.03 2.66
C HIS B 52 -9.06 2.01 1.51
N PRO B 53 -9.34 1.57 0.25
CA PRO B 53 -9.08 2.49 -0.89
C PRO B 53 -9.86 3.81 -0.80
N GLU B 54 -11.04 3.85 -0.20
CA GLU B 54 -11.73 5.14 -0.03
C GLU B 54 -11.05 6.09 0.99
N ASP B 55 -10.17 5.58 1.83
CA ASP B 55 -9.56 6.43 2.90
C ASP B 55 -8.06 6.77 2.61
N GLN B 56 -7.49 6.11 1.60
CA GLN B 56 -6.01 6.32 1.27
C GLN B 56 -5.62 7.75 1.02
N GLN B 57 -6.41 8.48 0.24
CA GLN B 57 -6.05 9.85 -0.03
C GLN B 57 -6.12 10.75 1.22
N LEU B 58 -7.20 10.62 2.01
CA LEU B 58 -7.34 11.29 3.31
C LEU B 58 -6.06 11.04 4.17
N LEU B 59 -5.57 9.79 4.16
CA LEU B 59 -4.42 9.43 5.01
C LEU B 59 -3.12 10.07 4.47
N ARG B 60 -2.90 9.99 3.17
CA ARG B 60 -1.78 10.71 2.52
C ARG B 60 -1.87 12.20 2.77
N ASP B 61 -3.06 12.80 2.66
CA ASP B 61 -3.13 14.26 2.93
C ASP B 61 -2.90 14.58 4.38
N SER B 62 -3.28 13.67 5.27
CA SER B 62 -3.01 13.83 6.70
C SER B 62 -1.52 13.81 7.04
N PHE B 63 -0.78 12.89 6.45
CA PHE B 63 0.69 12.88 6.60
C PHE B 63 1.32 14.13 6.12
N GLN B 64 0.86 14.63 4.99
CA GLN B 64 1.37 15.86 4.47
C GLN B 64 1.07 17.00 5.40
N GLN B 65 -0.13 17.02 5.98
CA GLN B 65 -0.42 18.19 6.82
C GLN B 65 0.21 18.19 8.21
N VAL B 66 0.36 17.01 8.79
CA VAL B 66 0.89 16.96 10.12
C VAL B 66 2.29 17.67 10.19
N VAL B 67 3.09 17.57 9.12
CA VAL B 67 4.35 18.33 9.10
C VAL B 67 4.20 19.84 9.01
N LYS B 68 3.06 20.32 8.52
CA LYS B 68 2.86 21.77 8.46
C LYS B 68 2.34 22.32 9.79
N LEU B 69 1.91 21.45 10.67
CA LEU B 69 1.23 21.88 11.88
C LEU B 69 2.16 22.15 13.09
N LYS B 70 3.47 22.20 12.84
CA LYS B 70 4.41 22.76 13.86
C LYS B 70 4.43 21.92 15.14
N GLY B 71 4.62 20.61 15.02
CA GLY B 71 4.43 19.72 16.16
C GLY B 71 3.04 19.60 16.85
N GLN B 72 1.95 20.19 16.33
CA GLN B 72 0.53 20.11 16.89
C GLN B 72 -0.12 18.69 16.64
N VAL B 73 -1.10 18.27 17.43
CA VAL B 73 -1.73 16.97 17.19
C VAL B 73 -2.73 17.03 16.04
N LEU B 74 -2.63 16.09 15.10
CA LEU B 74 -3.58 15.89 14.05
C LEU B 74 -4.22 14.54 14.26
N SER B 75 -5.52 14.44 14.08
CA SER B 75 -6.23 13.18 14.27
C SER B 75 -6.88 12.71 12.93
N VAL B 76 -6.89 11.42 12.66
CA VAL B 76 -7.55 10.94 11.41
C VAL B 76 -8.23 9.62 11.75
N MET B 77 -9.36 9.39 11.12
CA MET B 77 -10.10 8.15 11.24
C MET B 77 -10.06 7.37 9.91
N PHE B 78 -9.73 6.09 9.94
CA PHE B 78 -9.66 5.35 8.66
C PHE B 78 -9.80 3.86 8.93
N ARG B 79 -10.03 3.07 7.90
CA ARG B 79 -10.23 1.66 7.95
C ARG B 79 -8.93 0.98 7.62
N PHE B 80 -8.49 0.14 8.54
CA PHE B 80 -7.20 -0.50 8.50
C PHE B 80 -7.49 -1.97 8.33
N ARG B 81 -6.71 -2.68 7.53
CA ARG B 81 -7.06 -4.10 7.24
C ARG B 81 -6.33 -4.96 8.26
N SER B 82 -7.06 -5.64 9.17
CA SER B 82 -6.34 -6.40 10.17
C SER B 82 -5.78 -7.68 9.58
N LYS B 83 -4.94 -8.36 10.35
CA LYS B 83 -4.46 -9.66 9.89
C LYS B 83 -5.63 -10.70 9.85
N ASN B 84 -6.69 -10.52 10.66
CA ASN B 84 -7.96 -11.31 10.58
C ASN B 84 -8.95 -10.93 9.49
N GLN B 85 -8.45 -10.19 8.50
CA GLN B 85 -9.21 -9.91 7.31
C GLN B 85 -10.48 -9.11 7.62
N GLU B 86 -10.39 -8.13 8.52
CA GLU B 86 -11.48 -7.24 8.78
C GLU B 86 -11.01 -5.78 8.55
N TRP B 87 -11.92 -4.91 8.09
CA TRP B 87 -11.75 -3.49 8.07
C TRP B 87 -11.99 -2.95 9.44
N LEU B 88 -10.95 -2.50 10.14
CA LEU B 88 -11.14 -1.95 11.53
C LEU B 88 -11.16 -0.43 11.46
N TRP B 89 -12.10 0.23 12.15
CA TRP B 89 -12.01 1.66 12.26
C TRP B 89 -10.87 2.07 13.20
N MET B 90 -9.90 2.83 12.69
CA MET B 90 -8.74 3.26 13.49
C MET B 90 -8.73 4.77 13.62
N ARG B 91 -8.56 5.27 14.85
CA ARG B 91 -8.32 6.70 15.00
C ARG B 91 -6.82 6.80 15.30
N THR B 92 -6.11 7.51 14.43
CA THR B 92 -4.66 7.68 14.57
C THR B 92 -4.50 9.15 14.92
N SER B 93 -3.84 9.42 16.05
CA SER B 93 -3.46 10.80 16.48
C SER B 93 -1.97 11.02 16.30
N SER B 94 -1.56 12.04 15.58
CA SER B 94 -0.11 12.09 15.29
C SER B 94 0.47 13.49 15.43
N PHE B 95 1.77 13.58 15.64
CA PHE B 95 2.41 14.85 15.74
C PHE B 95 3.86 14.64 15.34
N THR B 96 4.48 15.68 14.84
CA THR B 96 5.89 15.55 14.40
C THR B 96 6.82 15.83 15.65
N PHE B 97 8.00 15.22 15.69
CA PHE B 97 9.03 15.64 16.65
C PHE B 97 10.30 15.83 15.85
N GLN B 98 11.02 16.89 16.18
CA GLN B 98 12.32 17.19 15.66
C GLN B 98 13.16 17.67 16.86
N ASN B 99 14.27 17.00 17.12
CA ASN B 99 15.16 17.43 18.24
C ASN B 99 15.81 18.79 17.89
N PRO B 100 15.55 19.82 18.72
CA PRO B 100 15.90 21.20 18.44
C PRO B 100 17.46 21.43 18.57
N TYR B 101 18.17 20.44 19.10
CA TYR B 101 19.68 20.42 19.12
C TYR B 101 20.26 20.07 17.75
N SER B 102 19.37 19.62 16.83
CA SER B 102 19.74 19.00 15.53
C SER B 102 18.97 19.67 14.40
N ASP B 103 19.38 19.42 13.18
CA ASP B 103 18.58 19.83 12.05
C ASP B 103 18.27 18.55 11.28
N GLU B 104 17.90 17.48 11.98
CA GLU B 104 17.55 16.21 11.35
C GLU B 104 16.12 16.26 10.77
N ILE B 105 15.81 15.48 9.75
CA ILE B 105 14.45 15.62 9.21
C ILE B 105 13.44 15.13 10.27
N GLU B 106 12.38 15.90 10.51
CA GLU B 106 11.44 15.48 11.53
C GLU B 106 10.85 14.11 11.16
N TYR B 107 10.27 13.47 12.12
CA TYR B 107 9.47 12.30 11.85
C TYR B 107 8.18 12.33 12.72
N ILE B 108 7.41 11.29 12.59
CA ILE B 108 5.98 11.42 12.88
C ILE B 108 5.72 10.37 13.86
N ILE B 109 5.14 10.79 14.97
CA ILE B 109 4.89 9.83 16.07
C ILE B 109 3.37 9.61 16.11
N CYS B 110 2.91 8.35 16.12
CA CYS B 110 1.43 8.07 16.11
C CYS B 110 0.95 7.26 17.29
N THR B 111 -0.29 7.48 17.75
CA THR B 111 -0.93 6.49 18.58
C THR B 111 -2.17 6.05 17.81
N ASN B 112 -2.41 4.76 17.79
CA ASN B 112 -3.43 4.15 16.89
C ASN B 112 -4.44 3.38 17.76
N THR B 113 -5.75 3.72 17.70
CA THR B 113 -6.75 3.06 18.58
C THR B 113 -7.90 2.54 17.69
N ASN B 114 -8.43 1.35 17.97
CA ASN B 114 -9.65 0.83 17.30
C ASN B 114 -10.81 1.50 17.99
N VAL B 115 -11.55 2.30 17.25
CA VAL B 115 -12.66 3.03 17.75
C VAL B 115 -13.95 2.64 17.01
N LYS B 116 -15.06 3.15 17.49
CA LYS B 116 -16.36 2.85 16.91
C LYS B 116 -16.68 3.95 15.91
N ASN B 117 -17.22 3.63 14.75
CA ASN B 117 -17.78 4.64 13.94
C ASN B 117 -19.27 4.65 14.24
N SER B 118 -19.68 5.46 15.21
CA SER B 118 -21.11 5.74 15.41
C SER B 118 -21.35 6.98 16.27
#